data_9LNI
#
_entry.id   9LNI
#
_cell.length_a   35.281
_cell.length_b   67.380
_cell.length_c   43.742
_cell.angle_alpha   90.00
_cell.angle_beta   108.52
_cell.angle_gamma   90.00
#
_symmetry.space_group_name_H-M   'P 1 21 1'
#
loop_
_entity.id
_entity.type
_entity.pdbx_description
1 polymer ZZ1
2 non-polymer 'ZINC ION'
3 water water
#
_entity_poly.entity_id   1
_entity_poly.type   'polypeptide(L)'
_entity_poly.pdbx_seq_one_letter_code
;SKEEILEQLEKMVEEAKEELKKAKDKSPLELILETLTLITLLSLLAIAKEDEETWKKLLEEALETAEETLKLVGLEELIE
EVKKEIKELFDELKKMIKEGESKEKIIIYNILKNFELEILLAMIEKGEKEEEIEKYRKKWEEKLKKYLEEVKTKEEALKI
LEEILKERKEELEKLGISKELVEKHLERIKKAAELVLSMGSLESSGLEVLFQ
;
_entity_poly.pdbx_strand_id   A
#
loop_
_chem_comp.id
_chem_comp.type
_chem_comp.name
_chem_comp.formula
ZN non-polymer 'ZINC ION' 'Zn 2'
#
# COMPACT_ATOMS: atom_id res chain seq x y z
N SER A 1 -19.09 7.15 -8.28
CA SER A 1 -19.86 5.92 -8.44
C SER A 1 -19.08 4.70 -7.99
N LYS A 2 -19.65 3.90 -7.08
CA LYS A 2 -18.94 2.73 -6.58
C LYS A 2 -18.50 1.81 -7.72
N GLU A 3 -19.35 1.63 -8.73
CA GLU A 3 -18.99 0.71 -9.80
C GLU A 3 -17.94 1.30 -10.73
N GLU A 4 -18.04 2.59 -11.04
CA GLU A 4 -16.99 3.24 -11.83
C GLU A 4 -15.67 3.21 -11.08
N ILE A 5 -15.72 3.55 -9.78
CA ILE A 5 -14.50 3.58 -8.98
C ILE A 5 -13.88 2.20 -8.92
N LEU A 6 -14.70 1.16 -8.71
CA LEU A 6 -14.15 -0.18 -8.73
C LEU A 6 -13.50 -0.45 -10.08
N GLU A 7 -14.24 -0.28 -11.18
CA GLU A 7 -13.68 -0.55 -12.51
C GLU A 7 -12.33 0.13 -12.70
N GLN A 8 -12.21 1.39 -12.27
CA GLN A 8 -10.92 2.08 -12.39
C GLN A 8 -9.85 1.41 -11.54
N LEU A 9 -10.21 0.98 -10.34
CA LEU A 9 -9.22 0.33 -9.49
C LEU A 9 -8.80 -1.03 -10.05
N GLU A 10 -9.73 -1.86 -10.54
CA GLU A 10 -9.26 -3.09 -11.20
C GLU A 10 -8.46 -2.79 -12.45
N LYS A 11 -8.76 -1.70 -13.16
CA LYS A 11 -7.92 -1.33 -14.31
C LYS A 11 -6.49 -1.04 -13.87
N MET A 12 -6.36 -0.32 -12.75
CA MET A 12 -5.03 0.00 -12.22
C MET A 12 -4.31 -1.26 -11.76
N VAL A 13 -5.04 -2.20 -11.17
CA VAL A 13 -4.45 -3.46 -10.77
C VAL A 13 -3.95 -4.21 -11.99
N GLU A 14 -4.76 -4.27 -13.05
CA GLU A 14 -4.35 -5.01 -14.25
C GLU A 14 -3.11 -4.39 -14.87
N GLU A 15 -3.05 -3.06 -14.93
CA GLU A 15 -1.89 -2.38 -15.49
C GLU A 15 -0.65 -2.65 -14.66
N ALA A 16 -0.79 -2.61 -13.32
CA ALA A 16 0.34 -2.91 -12.46
C ALA A 16 0.81 -4.35 -12.63
N LYS A 17 -0.11 -5.30 -12.79
CA LYS A 17 0.27 -6.69 -13.05
C LYS A 17 1.03 -6.81 -14.37
N GLU A 18 0.56 -6.08 -15.40
CA GLU A 18 1.22 -6.08 -16.68
C GLU A 18 2.64 -5.56 -16.56
N GLU A 19 2.85 -4.49 -15.77
CA GLU A 19 4.20 -3.96 -15.64
C GLU A 19 5.09 -4.90 -14.84
N LEU A 20 4.52 -5.53 -13.81
CA LEU A 20 5.30 -6.48 -13.02
C LEU A 20 5.72 -7.68 -13.83
N LYS A 21 4.86 -8.13 -14.75
CA LYS A 21 5.22 -9.25 -15.63
C LYS A 21 6.41 -8.93 -16.50
N LYS A 22 6.56 -7.68 -16.94
CA LYS A 22 7.69 -7.24 -17.74
C LYS A 22 8.90 -7.06 -16.82
N ALA A 23 9.33 -8.17 -16.21
CA ALA A 23 10.32 -8.16 -15.15
C ALA A 23 11.71 -8.60 -15.59
N LYS A 24 11.85 -9.20 -16.78
CA LYS A 24 13.13 -9.77 -17.18
C LYS A 24 14.26 -8.75 -17.09
N ASP A 25 14.06 -7.55 -17.63
CA ASP A 25 15.08 -6.52 -17.68
C ASP A 25 14.99 -5.51 -16.54
N LYS A 26 14.20 -5.80 -15.50
CA LYS A 26 14.08 -4.90 -14.36
C LYS A 26 15.09 -5.29 -13.27
N SER A 27 15.63 -4.28 -12.59
CA SER A 27 16.51 -4.52 -11.46
C SER A 27 15.69 -5.01 -10.28
N PRO A 28 16.31 -5.64 -9.28
CA PRO A 28 15.55 -6.04 -8.09
C PRO A 28 14.82 -4.89 -7.43
N LEU A 29 15.44 -3.71 -7.33
CA LEU A 29 14.77 -2.57 -6.68
C LEU A 29 13.56 -2.12 -7.48
N GLU A 30 13.67 -2.07 -8.80
CA GLU A 30 12.50 -1.76 -9.62
C GLU A 30 11.41 -2.80 -9.46
N LEU A 31 11.80 -4.08 -9.36
CA LEU A 31 10.80 -5.14 -9.14
C LEU A 31 10.12 -4.97 -7.79
N ILE A 32 10.89 -4.61 -6.76
CA ILE A 32 10.30 -4.39 -5.44
C ILE A 32 9.34 -3.20 -5.50
N LEU A 33 9.73 -2.15 -6.25
CA LEU A 33 8.84 -1.00 -6.43
C LEU A 33 7.53 -1.42 -7.10
N GLU A 34 7.62 -2.21 -8.17
CA GLU A 34 6.41 -2.68 -8.86
C GLU A 34 5.55 -3.51 -7.92
N THR A 35 6.19 -4.36 -7.11
CA THR A 35 5.44 -5.32 -6.30
C THR A 35 4.71 -4.63 -5.16
N LEU A 36 5.38 -3.70 -4.50
CA LEU A 36 4.68 -3.07 -3.40
C LEU A 36 3.69 -2.04 -3.92
N THR A 37 3.88 -1.48 -5.12
CA THR A 37 2.80 -0.72 -5.75
C THR A 37 1.58 -1.62 -6.01
N LEU A 38 1.81 -2.80 -6.56
CA LEU A 38 0.66 -3.69 -6.80
C LEU A 38 -0.02 -4.10 -5.49
N ILE A 39 0.75 -4.45 -4.47
CA ILE A 39 0.14 -4.91 -3.23
C ILE A 39 -0.62 -3.76 -2.56
N THR A 40 -0.10 -2.52 -2.66
CA THR A 40 -0.83 -1.36 -2.17
C THR A 40 -2.16 -1.23 -2.91
N LEU A 41 -2.15 -1.41 -4.23
CA LEU A 41 -3.39 -1.34 -5.00
C LEU A 41 -4.34 -2.46 -4.61
N LEU A 42 -3.84 -3.69 -4.43
CA LEU A 42 -4.69 -4.81 -4.05
C LEU A 42 -5.37 -4.57 -2.70
N SER A 43 -4.61 -4.09 -1.72
CA SER A 43 -5.17 -3.81 -0.40
C SER A 43 -6.10 -2.60 -0.43
N LEU A 44 -5.83 -1.60 -1.27
CA LEU A 44 -6.78 -0.50 -1.41
C LEU A 44 -8.10 -0.97 -2.05
N LEU A 45 -8.01 -1.85 -3.05
CA LEU A 45 -9.22 -2.42 -3.66
C LEU A 45 -10.01 -3.24 -2.63
N ALA A 46 -9.32 -3.99 -1.78
CA ALA A 46 -10.04 -4.75 -0.75
C ALA A 46 -10.76 -3.83 0.24
N ILE A 47 -10.12 -2.73 0.64
CA ILE A 47 -10.77 -1.74 1.51
C ILE A 47 -12.00 -1.18 0.82
N ALA A 48 -11.89 -0.90 -0.47
CA ALA A 48 -13.00 -0.31 -1.23
C ALA A 48 -14.19 -1.27 -1.31
N LYS A 49 -13.94 -2.55 -1.57
CA LYS A 49 -15.06 -3.47 -1.74
C LYS A 49 -15.70 -3.91 -0.43
N GLU A 50 -14.95 -3.98 0.68
CA GLU A 50 -15.50 -4.36 1.99
C GLU A 50 -16.31 -5.66 1.91
N ASP A 51 -15.71 -6.69 1.31
CA ASP A 51 -16.41 -7.93 0.97
C ASP A 51 -15.57 -9.14 1.36
N GLU A 52 -16.16 -10.07 2.11
CA GLU A 52 -15.38 -11.13 2.75
C GLU A 52 -14.58 -11.96 1.73
N GLU A 53 -15.25 -12.43 0.68
CA GLU A 53 -14.56 -13.29 -0.28
C GLU A 53 -13.56 -12.48 -1.11
N THR A 54 -13.78 -11.17 -1.25
CA THR A 54 -12.79 -10.32 -1.91
C THR A 54 -11.54 -10.17 -1.06
N TRP A 55 -11.71 -9.98 0.25
CA TRP A 55 -10.54 -9.94 1.11
CA TRP A 55 -10.56 -9.96 1.16
C TRP A 55 -9.74 -11.22 1.00
N LYS A 56 -10.41 -12.38 0.97
CA LYS A 56 -9.67 -13.64 0.85
C LYS A 56 -8.89 -13.71 -0.45
N LYS A 57 -9.53 -13.35 -1.57
CA LYS A 57 -8.88 -13.52 -2.87
C LYS A 57 -7.75 -12.51 -3.08
N LEU A 58 -7.92 -11.27 -2.62
CA LEU A 58 -6.88 -10.27 -2.82
C LEU A 58 -5.73 -10.49 -1.85
N LEU A 59 -5.99 -11.02 -0.66
CA LEU A 59 -4.89 -11.46 0.19
C LEU A 59 -4.09 -12.56 -0.51
N GLU A 60 -4.79 -13.55 -1.10
CA GLU A 60 -4.08 -14.59 -1.83
C GLU A 60 -3.24 -14.00 -2.94
N GLU A 61 -3.78 -13.02 -3.67
CA GLU A 61 -3.03 -12.45 -4.80
C GLU A 61 -1.82 -11.69 -4.32
N ALA A 62 -1.95 -10.93 -3.22
CA ALA A 62 -0.82 -10.21 -2.64
C ALA A 62 0.27 -11.17 -2.19
N LEU A 63 -0.12 -12.26 -1.54
CA LEU A 63 0.88 -13.21 -1.06
C LEU A 63 1.59 -13.87 -2.23
N GLU A 64 0.84 -14.23 -3.27
CA GLU A 64 1.41 -14.82 -4.49
C GLU A 64 2.39 -13.87 -5.16
N THR A 65 2.02 -12.59 -5.29
CA THR A 65 2.90 -11.62 -5.94
CA THR A 65 2.93 -11.69 -5.98
C THR A 65 4.18 -11.43 -5.14
N ALA A 66 4.05 -11.32 -3.81
CA ALA A 66 5.23 -11.16 -2.97
C ALA A 66 6.16 -12.36 -3.08
N GLU A 67 5.61 -13.57 -3.03
CA GLU A 67 6.47 -14.75 -3.10
C GLU A 67 7.18 -14.82 -4.44
N GLU A 68 6.47 -14.53 -5.52
CA GLU A 68 7.08 -14.61 -6.84
C GLU A 68 8.22 -13.60 -6.99
N THR A 69 8.01 -12.37 -6.50
CA THR A 69 9.08 -11.39 -6.59
C THR A 69 10.27 -11.77 -5.72
N LEU A 70 10.02 -12.24 -4.50
CA LEU A 70 11.12 -12.59 -3.60
C LEU A 70 11.95 -13.70 -4.21
N LYS A 71 11.30 -14.69 -4.84
CA LYS A 71 12.05 -15.73 -5.55
C LYS A 71 12.89 -15.14 -6.68
N LEU A 72 12.30 -14.23 -7.46
CA LEU A 72 13.01 -13.71 -8.62
C LEU A 72 14.27 -12.96 -8.23
N VAL A 73 14.21 -12.18 -7.14
CA VAL A 73 15.29 -11.28 -6.75
C VAL A 73 16.22 -11.95 -5.75
N GLY A 74 16.05 -13.25 -5.54
CA GLY A 74 16.91 -14.00 -4.66
C GLY A 74 16.78 -13.68 -3.18
N LEU A 75 15.57 -13.39 -2.73
CA LEU A 75 15.28 -13.13 -1.33
C LEU A 75 14.32 -14.20 -0.79
N GLU A 76 14.46 -15.44 -1.25
CA GLU A 76 13.54 -16.51 -0.85
C GLU A 76 13.56 -16.73 0.66
N GLU A 77 14.68 -16.47 1.32
CA GLU A 77 14.76 -16.61 2.76
C GLU A 77 13.80 -15.69 3.49
N LEU A 78 13.27 -14.66 2.81
CA LEU A 78 12.34 -13.74 3.46
C LEU A 78 10.88 -14.13 3.31
N ILE A 79 10.59 -15.16 2.51
CA ILE A 79 9.20 -15.38 2.09
C ILE A 79 8.27 -15.53 3.30
N GLU A 80 8.65 -16.38 4.26
CA GLU A 80 7.77 -16.60 5.41
C GLU A 80 7.51 -15.30 6.18
N GLU A 81 8.57 -14.55 6.45
CA GLU A 81 8.39 -13.31 7.21
C GLU A 81 7.53 -12.33 6.44
N VAL A 82 7.74 -12.23 5.13
CA VAL A 82 6.96 -11.28 4.34
C VAL A 82 5.51 -11.72 4.29
N LYS A 83 5.28 -13.02 4.16
CA LYS A 83 3.90 -13.49 4.11
C LYS A 83 3.22 -13.17 5.43
N LYS A 84 3.97 -13.31 6.54
CA LYS A 84 3.38 -12.99 7.83
C LYS A 84 2.98 -11.52 7.88
N GLU A 85 3.86 -10.64 7.39
CA GLU A 85 3.57 -9.21 7.46
C GLU A 85 2.34 -8.90 6.63
N ILE A 86 2.23 -9.51 5.46
CA ILE A 86 1.10 -9.19 4.59
C ILE A 86 -0.17 -9.68 5.25
N LYS A 87 -0.13 -10.89 5.81
CA LYS A 87 -1.31 -11.40 6.49
C LYS A 87 -1.66 -10.49 7.64
N GLU A 88 -0.64 -10.03 8.40
CA GLU A 88 -0.94 -9.18 9.55
C GLU A 88 -1.66 -7.93 9.09
N LEU A 89 -1.19 -7.33 7.99
CA LEU A 89 -1.80 -6.11 7.50
C LEU A 89 -3.25 -6.33 7.12
N PHE A 90 -3.52 -7.40 6.39
CA PHE A 90 -4.88 -7.63 5.94
C PHE A 90 -5.77 -7.90 7.15
N ASP A 91 -5.25 -8.66 8.12
CA ASP A 91 -6.04 -8.88 9.33
C ASP A 91 -6.34 -7.56 10.01
N GLU A 92 -5.32 -6.68 10.11
CA GLU A 92 -5.53 -5.45 10.85
C GLU A 92 -6.52 -4.54 10.13
N LEU A 93 -6.46 -4.52 8.79
CA LEU A 93 -7.41 -3.70 8.05
C LEU A 93 -8.81 -4.17 8.37
N LYS A 94 -9.03 -5.49 8.35
CA LYS A 94 -10.37 -5.99 8.63
C LYS A 94 -10.77 -5.64 10.05
N LYS A 95 -9.82 -5.72 10.99
CA LYS A 95 -10.13 -5.38 12.37
C LYS A 95 -10.57 -3.94 12.47
N MET A 96 -9.82 -3.01 11.84
CA MET A 96 -10.22 -1.64 12.01
C MET A 96 -11.54 -1.37 11.34
N ILE A 97 -11.89 -2.13 10.31
CA ILE A 97 -13.21 -1.96 9.72
C ILE A 97 -14.26 -2.44 10.69
N LYS A 98 -14.01 -3.59 11.33
CA LYS A 98 -15.04 -4.15 12.22
C LYS A 98 -15.23 -3.26 13.45
N GLU A 99 -14.15 -2.65 13.94
CA GLU A 99 -14.22 -1.78 15.12
C GLU A 99 -14.64 -0.35 14.79
N GLY A 100 -14.99 -0.05 13.54
CA GLY A 100 -15.52 1.25 13.21
C GLY A 100 -14.49 2.36 13.08
N GLU A 101 -13.26 2.02 12.72
CA GLU A 101 -12.29 3.09 12.47
C GLU A 101 -12.67 3.87 11.23
N SER A 102 -12.27 5.14 11.18
CA SER A 102 -12.60 5.94 10.02
C SER A 102 -11.89 5.42 8.79
N LYS A 103 -12.55 5.55 7.63
CA LYS A 103 -11.95 5.09 6.39
C LYS A 103 -10.66 5.85 6.09
N GLU A 104 -10.61 7.13 6.43
CA GLU A 104 -9.37 7.91 6.33
C GLU A 104 -8.22 7.24 7.08
N LYS A 105 -8.49 6.83 8.32
CA LYS A 105 -7.47 6.19 9.14
C LYS A 105 -7.04 4.86 8.54
N ILE A 106 -8.01 4.07 8.06
CA ILE A 106 -7.71 2.77 7.48
C ILE A 106 -6.85 2.93 6.24
N ILE A 107 -7.19 3.89 5.38
CA ILE A 107 -6.43 4.10 4.15
C ILE A 107 -5.00 4.54 4.46
N ILE A 108 -4.84 5.52 5.36
CA ILE A 108 -3.49 5.97 5.72
C ILE A 108 -2.69 4.84 6.37
N TYR A 109 -3.31 4.09 7.29
CA TYR A 109 -2.65 2.95 7.90
C TYR A 109 -2.16 1.96 6.84
N ASN A 110 -3.01 1.66 5.85
CA ASN A 110 -2.64 0.72 4.80
C ASN A 110 -1.45 1.23 4.01
N ILE A 111 -1.49 2.50 3.63
CA ILE A 111 -0.39 3.04 2.83
C ILE A 111 0.90 3.03 3.62
N LEU A 112 0.83 3.43 4.89
CA LEU A 112 2.03 3.45 5.75
C LEU A 112 2.60 2.05 5.91
N LYS A 113 1.76 1.04 6.15
CA LYS A 113 2.25 -0.32 6.36
C LYS A 113 2.85 -0.91 5.09
N ASN A 114 2.24 -0.64 3.92
CA ASN A 114 2.83 -1.11 2.66
C ASN A 114 4.21 -0.50 2.44
N PHE A 115 4.35 0.81 2.70
CA PHE A 115 5.65 1.47 2.55
C PHE A 115 6.67 0.91 3.52
N GLU A 116 6.26 0.61 4.76
CA GLU A 116 7.22 0.10 5.73
C GLU A 116 7.81 -1.21 5.23
N LEU A 117 6.93 -2.11 4.74
CA LEU A 117 7.39 -3.37 4.16
C LEU A 117 8.27 -3.15 2.93
N GLU A 118 7.83 -2.25 2.03
CA GLU A 118 8.57 -1.92 0.81
C GLU A 118 9.99 -1.45 1.07
N ILE A 119 10.12 -0.43 1.93
CA ILE A 119 11.41 0.15 2.21
C ILE A 119 12.31 -0.85 2.92
N LEU A 120 11.73 -1.68 3.82
CA LEU A 120 12.52 -2.72 4.48
C LEU A 120 13.11 -3.69 3.45
N LEU A 121 12.28 -4.14 2.51
CA LEU A 121 12.77 -5.06 1.48
C LEU A 121 13.82 -4.39 0.62
N ALA A 122 13.61 -3.12 0.24
CA ALA A 122 14.59 -2.40 -0.58
C ALA A 122 15.92 -2.28 0.14
N MET A 123 15.90 -1.92 1.42
CA MET A 123 17.13 -1.80 2.19
C MET A 123 17.83 -3.13 2.38
N ILE A 124 17.08 -4.21 2.62
CA ILE A 124 17.69 -5.54 2.70
C ILE A 124 18.36 -5.89 1.38
N GLU A 125 17.66 -5.66 0.26
CA GLU A 125 18.21 -5.98 -1.06
C GLU A 125 19.48 -5.17 -1.35
N LYS A 126 19.51 -3.90 -0.96
CA LYS A 126 20.73 -3.09 -1.11
C LYS A 126 21.80 -3.36 -0.05
N GLY A 127 21.54 -4.22 0.93
CA GLY A 127 22.57 -4.54 1.91
C GLY A 127 22.86 -3.47 2.92
N GLU A 128 21.87 -2.63 3.25
CA GLU A 128 22.04 -1.64 4.30
C GLU A 128 22.25 -2.31 5.66
N LYS A 129 23.02 -1.66 6.52
CA LYS A 129 23.29 -2.22 7.84
C LYS A 129 22.05 -2.22 8.70
N GLU A 130 22.02 -3.15 9.67
CA GLU A 130 20.83 -3.33 10.51
C GLU A 130 20.50 -2.05 11.28
N GLU A 131 21.50 -1.27 11.67
CA GLU A 131 21.25 -0.04 12.41
C GLU A 131 20.50 0.98 11.55
N GLU A 132 20.84 1.11 10.28
CA GLU A 132 20.13 2.04 9.41
C GLU A 132 18.70 1.59 9.18
N ILE A 133 18.51 0.28 8.99
CA ILE A 133 17.17 -0.27 8.83
C ILE A 133 16.32 0.03 10.05
N GLU A 134 16.91 -0.14 11.24
CA GLU A 134 16.17 0.15 12.46
C GLU A 134 15.85 1.64 12.57
N LYS A 135 16.80 2.50 12.20
CA LYS A 135 16.59 3.93 12.23
C LYS A 135 15.34 4.29 11.44
N TYR A 136 15.23 3.74 10.23
CA TYR A 136 14.08 4.04 9.38
C TYR A 136 12.79 3.42 9.93
N ARG A 137 12.89 2.22 10.52
CA ARG A 137 11.68 1.60 11.07
C ARG A 137 11.12 2.41 12.23
N LYS A 138 11.99 2.86 13.14
CA LYS A 138 11.51 3.60 14.29
C LYS A 138 11.02 4.99 13.91
N LYS A 139 11.67 5.64 12.94
CA LYS A 139 11.15 6.95 12.58
C LYS A 139 9.76 6.82 11.96
N TRP A 140 9.54 5.77 11.15
CA TRP A 140 8.19 5.65 10.60
C TRP A 140 7.15 5.07 11.56
N GLU A 141 7.55 4.30 12.58
CA GLU A 141 6.62 3.91 13.63
C GLU A 141 6.11 5.14 14.38
N GLU A 142 7.03 6.05 14.71
CA GLU A 142 6.61 7.28 15.38
C GLU A 142 5.68 8.08 14.47
N LYS A 143 6.06 8.22 13.20
CA LYS A 143 5.23 8.98 12.26
C LYS A 143 3.85 8.38 12.11
N LEU A 144 3.75 7.04 12.06
CA LEU A 144 2.45 6.38 11.98
C LEU A 144 1.59 6.74 13.18
N LYS A 145 2.16 6.66 14.38
CA LYS A 145 1.39 6.99 15.58
C LYS A 145 0.81 8.40 15.48
N LYS A 146 1.65 9.37 15.09
CA LYS A 146 1.16 10.76 14.98
C LYS A 146 0.10 10.88 13.90
N TYR A 147 0.34 10.29 12.73
CA TYR A 147 -0.58 10.44 11.60
C TYR A 147 -1.95 9.88 11.93
N LEU A 148 -1.99 8.71 12.57
CA LEU A 148 -3.28 8.14 12.94
C LEU A 148 -3.94 8.91 14.07
N GLU A 149 -3.17 9.58 14.92
CA GLU A 149 -3.79 10.46 15.91
C GLU A 149 -4.29 11.76 15.29
N GLU A 150 -3.78 12.12 14.12
CA GLU A 150 -4.04 13.42 13.49
C GLU A 150 -5.16 13.38 12.45
N VAL A 151 -5.33 12.27 11.75
CA VAL A 151 -6.20 12.24 10.58
C VAL A 151 -7.65 12.05 11.01
N LYS A 152 -8.46 13.09 10.81
CA LYS A 152 -9.86 13.06 11.22
C LYS A 152 -10.83 13.31 10.08
N THR A 153 -10.38 13.91 8.98
CA THR A 153 -11.23 14.24 7.84
C THR A 153 -10.53 13.82 6.56
N LYS A 154 -11.31 13.87 5.47
CA LYS A 154 -10.77 13.55 4.14
C LYS A 154 -9.71 14.57 3.70
N GLU A 155 -9.92 15.85 4.00
CA GLU A 155 -8.90 16.84 3.68
C GLU A 155 -7.60 16.57 4.42
N GLU A 156 -7.69 16.24 5.72
CA GLU A 156 -6.50 15.93 6.50
C GLU A 156 -5.83 14.66 5.97
N ALA A 157 -6.62 13.66 5.57
CA ALA A 157 -6.04 12.44 5.02
C ALA A 157 -5.30 12.72 3.71
N LEU A 158 -5.88 13.55 2.85
CA LEU A 158 -5.22 13.89 1.59
C LEU A 158 -3.89 14.62 1.84
N LYS A 159 -3.87 15.54 2.80
CA LYS A 159 -2.62 16.25 3.11
C LYS A 159 -1.56 15.32 3.67
N ILE A 160 -1.95 14.44 4.60
CA ILE A 160 -1.01 13.49 5.17
C ILE A 160 -0.50 12.53 4.11
N LEU A 161 -1.38 12.13 3.19
CA LEU A 161 -0.97 11.25 2.08
C LEU A 161 0.12 11.92 1.25
N GLU A 162 -0.06 13.21 0.93
CA GLU A 162 0.98 13.93 0.18
C GLU A 162 2.30 13.95 0.94
N GLU A 163 2.24 14.21 2.25
CA GLU A 163 3.47 14.26 3.02
C GLU A 163 4.19 12.92 3.00
N ILE A 164 3.42 11.85 3.22
CA ILE A 164 3.98 10.50 3.22
C ILE A 164 4.65 10.20 1.89
N LEU A 165 3.94 10.49 0.79
CA LEU A 165 4.46 10.17 -0.54
C LEU A 165 5.74 10.94 -0.83
N LYS A 166 5.78 12.23 -0.47
CA LYS A 166 7.00 13.04 -0.64
C LYS A 166 8.20 12.43 0.08
N GLU A 167 8.03 12.10 1.36
CA GLU A 167 9.18 11.58 2.12
C GLU A 167 9.61 10.20 1.64
N ARG A 168 8.65 9.31 1.37
CA ARG A 168 9.07 8.00 0.91
C ARG A 168 9.70 8.06 -0.46
N LYS A 169 9.27 9.00 -1.31
CA LYS A 169 9.92 9.22 -2.60
C LYS A 169 11.38 9.57 -2.43
N GLU A 170 11.67 10.46 -1.48
CA GLU A 170 13.06 10.81 -1.18
C GLU A 170 13.85 9.59 -0.73
N GLU A 171 13.24 8.74 0.09
CA GLU A 171 13.96 7.57 0.58
C GLU A 171 14.23 6.57 -0.55
N LEU A 172 13.28 6.40 -1.45
CA LEU A 172 13.47 5.46 -2.55
C LEU A 172 14.55 5.96 -3.49
N GLU A 173 14.58 7.28 -3.72
CA GLU A 173 15.67 7.87 -4.50
C GLU A 173 17.02 7.63 -3.85
N LYS A 174 17.10 7.82 -2.53
CA LYS A 174 18.38 7.62 -1.86
C LYS A 174 18.84 6.17 -2.01
N LEU A 175 17.90 5.23 -2.08
CA LEU A 175 18.25 3.82 -2.22
C LEU A 175 18.71 3.50 -3.63
N GLY A 176 18.60 4.45 -4.55
CA GLY A 176 19.13 4.29 -5.89
C GLY A 176 18.11 4.11 -7.00
N ILE A 177 16.82 4.22 -6.72
CA ILE A 177 15.82 4.07 -7.78
C ILE A 177 15.65 5.40 -8.49
N SER A 178 15.50 5.33 -9.81
CA SER A 178 15.27 6.53 -10.62
C SER A 178 14.13 7.35 -10.03
N LYS A 179 14.41 8.64 -9.80
CA LYS A 179 13.41 9.53 -9.22
C LYS A 179 12.14 9.51 -10.06
N GLU A 180 12.28 9.54 -11.38
CA GLU A 180 11.10 9.65 -12.22
C GLU A 180 10.29 8.36 -12.19
N LEU A 181 10.98 7.22 -12.11
CA LEU A 181 10.28 5.94 -12.00
C LEU A 181 9.49 5.88 -10.69
N VAL A 182 10.14 6.30 -9.60
CA VAL A 182 9.46 6.38 -8.30
C VAL A 182 8.22 7.24 -8.43
N GLU A 183 8.35 8.39 -9.08
CA GLU A 183 7.21 9.30 -9.20
C GLU A 183 6.04 8.66 -9.94
N LYS A 184 6.31 7.93 -11.03
CA LYS A 184 5.20 7.29 -11.75
C LYS A 184 4.40 6.38 -10.82
N HIS A 185 5.12 5.56 -10.03
CA HIS A 185 4.40 4.59 -9.20
C HIS A 185 3.73 5.24 -8.00
N LEU A 186 4.39 6.20 -7.37
CA LEU A 186 3.76 6.86 -6.23
C LEU A 186 2.55 7.69 -6.66
N GLU A 187 2.57 8.22 -7.89
CA GLU A 187 1.39 8.90 -8.42
C GLU A 187 0.23 7.93 -8.58
N ARG A 188 0.54 6.71 -9.04
CA ARG A 188 -0.53 5.72 -9.14
C ARG A 188 -1.11 5.39 -7.76
N ILE A 189 -0.26 5.28 -6.74
CA ILE A 189 -0.77 5.03 -5.40
C ILE A 189 -1.65 6.19 -4.93
N LYS A 190 -1.21 7.42 -5.18
CA LYS A 190 -2.01 8.59 -4.80
C LYS A 190 -3.38 8.57 -5.45
N LYS A 191 -3.44 8.27 -6.75
CA LYS A 191 -4.73 8.24 -7.45
C LYS A 191 -5.64 7.15 -6.90
N ALA A 192 -5.10 5.96 -6.62
CA ALA A 192 -5.93 4.91 -6.04
C ALA A 192 -6.47 5.32 -4.68
N ALA A 193 -5.61 5.89 -3.84
CA ALA A 193 -6.02 6.27 -2.50
C ALA A 193 -7.10 7.33 -2.55
N GLU A 194 -6.94 8.30 -3.46
CA GLU A 194 -7.99 9.31 -3.64
C GLU A 194 -9.30 8.66 -4.09
N LEU A 195 -9.23 7.66 -4.97
CA LEU A 195 -10.44 6.96 -5.40
C LEU A 195 -11.15 6.29 -4.23
N VAL A 196 -10.40 5.56 -3.39
CA VAL A 196 -11.03 4.89 -2.25
C VAL A 196 -11.54 5.91 -1.25
N LEU A 197 -10.80 7.01 -1.06
CA LEU A 197 -11.26 8.07 -0.16
C LEU A 197 -12.56 8.66 -0.68
N SER A 198 -12.78 8.62 -2.00
CA SER A 198 -14.02 9.12 -2.59
C SER A 198 -15.23 8.32 -2.10
N MET A 199 -15.15 6.99 -2.14
CA MET A 199 -16.21 6.19 -1.54
C MET A 199 -16.25 6.45 -0.04
N GLY A 200 -17.45 6.38 0.52
CA GLY A 200 -17.69 6.68 1.91
C GLY A 200 -18.43 7.98 2.11
N SER A 201 -18.29 8.93 1.18
CA SER A 201 -19.29 9.97 1.06
C SER A 201 -20.63 9.39 0.62
N LEU A 202 -20.63 8.18 0.06
CA LEU A 202 -21.82 7.53 -0.46
C LEU A 202 -22.14 6.18 0.18
N GLU A 203 -21.39 5.76 1.20
CA GLU A 203 -21.85 4.62 1.98
C GLU A 203 -23.08 5.04 2.78
N SER A 204 -23.78 4.05 3.36
CA SER A 204 -25.16 4.26 3.81
C SER A 204 -25.26 5.35 4.89
N SER A 205 -24.33 5.36 5.85
CA SER A 205 -24.33 6.43 6.85
C SER A 205 -23.99 7.79 6.23
N GLY A 206 -23.05 7.81 5.27
CA GLY A 206 -22.75 9.07 4.61
C GLY A 206 -23.96 9.62 3.88
N LEU A 207 -24.72 8.73 3.23
CA LEU A 207 -25.94 9.14 2.57
C LEU A 207 -26.96 9.66 3.59
N GLU A 208 -27.07 8.99 4.75
CA GLU A 208 -27.98 9.50 5.78
C GLU A 208 -27.57 10.91 6.22
N VAL A 209 -26.26 11.17 6.28
CA VAL A 209 -25.78 12.52 6.63
C VAL A 209 -26.26 13.53 5.59
N LEU A 210 -26.09 13.21 4.31
CA LEU A 210 -26.44 14.17 3.25
C LEU A 210 -27.94 14.39 3.10
N PHE A 211 -28.74 13.34 3.31
CA PHE A 211 -30.17 13.40 3.00
C PHE A 211 -31.03 13.71 4.22
N GLN A 212 -30.56 13.39 5.42
CA GLN A 212 -31.34 13.51 6.67
C GLN A 212 -32.78 13.03 6.51
ZN ZN B . -19.61 -10.92 -1.38
ZN ZN C . 5.87 0.11 -13.45
ZN ZN D . -17.23 1.06 5.30
ZN ZN E . 16.61 14.63 -2.73
ZN ZN F . -7.27 -20.03 -3.12
ZN ZN G . 4.76 -7.46 11.85
ZN ZN H . -15.31 -4.73 19.04
#